data_1C1Z
#
_entry.id   1C1Z
#
_cell.length_a   159.500
_cell.length_b   164.800
_cell.length_c   114.300
_cell.angle_alpha   90.00
_cell.angle_beta   90.00
_cell.angle_gamma   90.00
#
_symmetry.space_group_name_H-M   'C 2 2 21'
#
loop_
_entity.id
_entity.type
_entity.pdbx_description
1 polymer BETA2-GLYCOPROTEIN-I
2 branched 2-acetamido-2-deoxy-alpha-D-glucopyranose-(1-4)-2-acetamido-2-deoxy-beta-D-glucopyranose
3 branched beta-D-mannopyranose-(1-3)-[alpha-D-mannopyranose-(1-6)]beta-D-mannopyranose-(1-4)-2-acetamido-2-deoxy-alpha-D-glucopyranose-(1-4)-2-acetamido-2-deoxy-beta-D-glucopyranose
4 branched alpha-D-mannopyranose-(1-4)-2-acetamido-2-deoxy-beta-D-glucopyranose-(1-4)-2-acetamido-2-deoxy-beta-D-glucopyranose
5 non-polymer 2-acetamido-2-deoxy-beta-D-glucopyranose
6 water water
#
_entity_poly.entity_id   1
_entity_poly.type   'polypeptide(L)'
_entity_poly.pdbx_seq_one_letter_code
;GRTCPKPDDLPFSTVVPLKTFYEPGEEITYSCKPGYVSRGGMRKFICPLTGLWPINTLKCTPRVCPFAGILENGAVRYTT
FEYPNTISFSCNTGFYLNGADSAKCTEEGKWSPELPVCAPIICPPPSIPTFATLRVYKPSAGNNSLYRDTAVFECLPQHA
MFGNDTITCTTHGNWTKLPECREVKCPFPSRPDNGFVNYPAKPTLYYKDKATFGCHDGYSLDGPEEIECTKLGNWSAMPS
CKASCKLPVKKATVVYQGERVKIQEKFKNGMLHGDKVSFFCKNKEKKCSYTEDAQCIDGTIEVPKCFKEHSSLAFWKTDA
SDVKPC
;
_entity_poly.pdbx_strand_id   A
#
# COMPACT_ATOMS: atom_id res chain seq x y z
N GLY A 1 59.66 47.12 41.09
CA GLY A 1 59.49 47.27 39.61
C GLY A 1 58.09 46.90 39.14
N ARG A 2 57.86 47.03 37.84
CA ARG A 2 56.55 46.70 37.29
C ARG A 2 56.49 45.24 36.87
N THR A 3 55.30 44.82 36.45
CA THR A 3 55.08 43.45 36.01
C THR A 3 53.89 43.44 35.04
N CYS A 4 53.92 42.51 34.10
CA CYS A 4 52.83 42.39 33.17
C CYS A 4 51.76 41.54 33.85
N PRO A 5 50.47 41.87 33.67
CA PRO A 5 49.36 41.13 34.28
C PRO A 5 49.01 39.91 33.45
N LYS A 6 48.03 39.16 33.92
CA LYS A 6 47.60 37.98 33.19
C LYS A 6 47.31 38.43 31.76
N PRO A 7 47.70 37.62 30.77
CA PRO A 7 47.49 37.92 29.35
C PRO A 7 46.03 37.83 28.95
N ASP A 8 45.61 38.70 28.04
CA ASP A 8 44.22 38.66 27.56
C ASP A 8 43.94 37.28 26.97
N ASP A 9 42.72 36.79 27.20
CA ASP A 9 42.34 35.49 26.69
C ASP A 9 41.81 35.65 25.27
N LEU A 10 42.61 35.26 24.27
CA LEU A 10 42.16 35.40 22.90
C LEU A 10 41.37 34.19 22.43
N PRO A 11 40.31 34.45 21.65
CA PRO A 11 39.42 33.41 21.11
C PRO A 11 40.14 32.25 20.46
N PHE A 12 39.80 31.04 20.91
CA PHE A 12 40.37 29.81 20.36
C PHE A 12 41.88 29.74 20.45
N SER A 13 42.45 30.29 21.50
CA SER A 13 43.88 30.29 21.65
C SER A 13 44.27 29.64 22.97
N THR A 14 45.57 29.61 23.21
CA THR A 14 46.17 29.05 24.41
C THR A 14 47.44 29.85 24.65
N VAL A 15 47.66 30.29 25.88
CA VAL A 15 48.87 31.06 26.17
C VAL A 15 49.75 30.25 27.08
N VAL A 16 51.05 30.28 26.84
CA VAL A 16 51.98 29.53 27.66
C VAL A 16 53.32 30.20 27.83
N PRO A 17 53.82 30.25 29.07
CA PRO A 17 53.16 29.74 30.27
C PRO A 17 52.16 30.76 30.81
N LEU A 18 50.96 30.31 31.16
CA LEU A 18 49.95 31.22 31.67
C LEU A 18 49.95 31.43 33.18
N LYS A 19 50.49 32.57 33.59
CA LYS A 19 50.58 32.96 34.98
C LYS A 19 49.65 34.16 35.14
N THR A 20 49.44 34.62 36.37
CA THR A 20 48.59 35.79 36.58
C THR A 20 49.41 37.06 36.43
N PHE A 21 50.73 36.94 36.50
CA PHE A 21 51.59 38.10 36.32
C PHE A 21 53.01 37.68 35.92
N TYR A 22 53.68 38.54 35.16
CA TYR A 22 55.02 38.26 34.69
C TYR A 22 56.05 39.35 34.96
N GLU A 23 57.31 38.93 35.04
CA GLU A 23 58.42 39.84 35.28
C GLU A 23 58.89 40.37 33.93
N PRO A 24 59.30 41.64 33.88
CA PRO A 24 59.75 42.15 32.58
C PRO A 24 60.81 41.19 32.09
N GLY A 25 60.72 40.81 30.82
CA GLY A 25 61.74 39.90 30.31
C GLY A 25 61.24 38.49 30.09
N GLU A 26 60.25 38.06 30.86
CA GLU A 26 59.69 36.73 30.70
C GLU A 26 58.94 36.69 29.36
N GLU A 27 58.80 35.50 28.78
CA GLU A 27 58.11 35.35 27.50
C GLU A 27 56.91 34.41 27.56
N ILE A 28 55.87 34.74 26.81
CA ILE A 28 54.68 33.89 26.75
C ILE A 28 54.47 33.60 25.28
N THR A 29 53.63 32.61 25.00
CA THR A 29 53.36 32.25 23.63
C THR A 29 51.92 31.87 23.37
N TYR A 30 51.29 32.57 22.43
CA TYR A 30 49.91 32.29 22.06
C TYR A 30 49.94 31.25 20.94
N SER A 31 48.95 30.36 20.94
CA SER A 31 48.85 29.32 19.93
C SER A 31 47.38 29.07 19.76
N CYS A 32 46.92 28.92 18.53
CA CYS A 32 45.50 28.65 18.32
C CYS A 32 45.20 27.24 18.79
N LYS A 33 44.04 27.04 19.38
CA LYS A 33 43.67 25.70 19.85
C LYS A 33 43.68 24.79 18.62
N PRO A 34 43.88 23.49 18.84
CA PRO A 34 43.90 22.57 17.69
C PRO A 34 42.57 22.64 16.94
N GLY A 35 42.66 22.65 15.61
CA GLY A 35 41.46 22.73 14.80
C GLY A 35 41.31 24.15 14.31
N TYR A 36 42.26 25.00 14.70
CA TYR A 36 42.23 26.39 14.30
C TYR A 36 43.57 26.82 13.73
N VAL A 37 43.55 27.90 12.97
CA VAL A 37 44.77 28.46 12.38
C VAL A 37 44.71 29.95 12.63
N SER A 38 45.84 30.62 12.40
CA SER A 38 45.91 32.05 12.65
C SER A 38 46.36 32.90 11.48
N ARG A 39 45.71 34.05 11.33
CA ARG A 39 46.09 34.98 10.29
C ARG A 39 47.32 35.59 10.97
N GLY A 40 48.42 34.84 10.97
CA GLY A 40 49.62 35.33 11.61
C GLY A 40 50.69 34.24 11.70
N GLY A 41 50.56 33.35 12.69
CA GLY A 41 51.53 32.28 12.83
C GLY A 41 52.07 32.02 14.23
N MET A 42 51.18 32.08 15.23
CA MET A 42 51.56 31.84 16.63
C MET A 42 52.45 32.96 17.17
N ARG A 43 51.83 33.94 17.82
CA ARG A 43 52.56 35.08 18.35
C ARG A 43 53.17 34.91 19.74
N LYS A 44 54.41 35.36 19.89
CA LYS A 44 55.11 35.28 21.17
C LYS A 44 55.36 36.71 21.63
N PHE A 45 55.38 36.91 22.94
CA PHE A 45 55.61 38.24 23.48
C PHE A 45 56.49 38.18 24.73
N ILE A 46 57.25 39.24 24.94
CA ILE A 46 58.08 39.34 26.12
C ILE A 46 57.60 40.52 26.96
N CYS A 47 57.30 40.24 28.22
CA CYS A 47 56.81 41.26 29.13
C CYS A 47 57.72 42.49 29.16
N PRO A 48 57.23 43.63 28.63
CA PRO A 48 57.94 44.89 28.56
C PRO A 48 58.26 45.39 29.96
N LEU A 49 59.17 46.34 30.04
CA LEU A 49 59.57 46.91 31.32
C LEU A 49 58.46 47.81 31.86
N THR A 50 57.60 48.24 30.94
CA THR A 50 56.47 49.11 31.24
C THR A 50 55.41 48.34 31.99
N GLY A 51 55.38 47.03 31.78
CA GLY A 51 54.39 46.20 32.44
C GLY A 51 53.09 46.11 31.66
N LEU A 52 53.16 46.48 30.39
CA LEU A 52 51.99 46.44 29.52
C LEU A 52 52.16 45.53 28.31
N TRP A 53 51.41 44.43 28.28
CA TRP A 53 51.49 43.54 27.13
C TRP A 53 51.12 44.35 25.89
N PRO A 54 51.86 44.14 24.79
CA PRO A 54 51.69 44.80 23.50
C PRO A 54 50.35 44.46 22.87
N ILE A 55 50.03 45.12 21.76
CA ILE A 55 48.78 44.84 21.06
C ILE A 55 48.91 43.45 20.43
N ASN A 56 47.84 42.66 20.52
CA ASN A 56 47.88 41.30 19.98
C ASN A 56 47.12 41.21 18.67
N THR A 57 47.82 40.91 17.60
CA THR A 57 47.20 40.81 16.29
C THR A 57 46.71 39.39 15.99
N LEU A 58 46.82 38.50 16.97
CA LEU A 58 46.41 37.12 16.76
C LEU A 58 44.93 36.89 16.62
N LYS A 59 44.56 36.22 15.53
CA LYS A 59 43.17 35.87 15.25
C LYS A 59 43.19 34.41 14.84
N CYS A 60 42.46 33.57 15.56
CA CYS A 60 42.42 32.14 15.25
C CYS A 60 41.05 31.79 14.69
N THR A 61 41.06 30.99 13.62
CA THR A 61 39.82 30.57 13.00
C THR A 61 39.88 29.11 12.65
N PRO A 62 38.71 28.47 12.60
CA PRO A 62 38.58 27.05 12.30
C PRO A 62 39.20 26.69 10.96
N ARG A 63 39.93 25.59 10.92
CA ARG A 63 40.49 25.12 9.67
C ARG A 63 39.23 24.75 8.89
N VAL A 64 39.30 24.76 7.57
CA VAL A 64 38.12 24.42 6.82
C VAL A 64 38.33 23.24 5.89
N CYS A 65 37.65 22.15 6.19
CA CYS A 65 37.78 20.98 5.34
C CYS A 65 37.27 21.38 3.95
N PRO A 66 37.57 20.55 2.94
CA PRO A 66 37.15 20.81 1.55
C PRO A 66 35.65 20.88 1.36
N PHE A 67 35.20 21.75 0.46
CA PHE A 67 33.79 21.92 0.15
C PHE A 67 33.09 20.58 -0.04
N ALA A 68 31.97 20.40 0.64
CA ALA A 68 31.22 19.15 0.55
C ALA A 68 29.74 19.42 0.44
N GLY A 69 29.36 20.46 -0.31
CA GLY A 69 27.96 20.76 -0.45
C GLY A 69 27.23 19.85 -1.43
N ILE A 70 27.97 19.30 -2.37
CA ILE A 70 27.38 18.44 -3.38
C ILE A 70 27.67 16.96 -3.17
N LEU A 71 26.61 16.16 -3.28
CA LEU A 71 26.68 14.71 -3.14
C LEU A 71 25.90 14.17 -4.31
N GLU A 72 26.59 13.84 -5.40
CA GLU A 72 25.91 13.34 -6.59
C GLU A 72 24.83 12.30 -6.26
N ASN A 73 23.59 12.70 -6.53
CA ASN A 73 22.41 11.89 -6.28
C ASN A 73 22.02 11.80 -4.82
N GLY A 74 22.39 12.81 -4.06
CA GLY A 74 22.07 12.80 -2.65
C GLY A 74 21.98 14.17 -2.02
N ALA A 75 21.68 14.18 -0.73
CA ALA A 75 21.55 15.39 0.03
C ALA A 75 22.67 15.52 1.05
N VAL A 76 23.11 16.75 1.30
CA VAL A 76 24.17 16.99 2.26
C VAL A 76 23.73 18.05 3.28
N ARG A 77 23.35 17.57 4.45
CA ARG A 77 22.90 18.44 5.54
C ARG A 77 24.14 19.10 6.13
N TYR A 78 24.27 20.41 5.98
CA TYR A 78 25.46 21.08 6.53
C TYR A 78 25.29 22.52 6.97
N THR A 79 26.36 23.02 7.58
CA THR A 79 26.42 24.37 8.10
C THR A 79 27.61 25.08 7.48
N THR A 80 28.80 24.66 7.89
CA THR A 80 30.03 25.22 7.37
C THR A 80 31.14 24.18 7.43
N PHE A 81 31.68 23.85 6.27
CA PHE A 81 32.73 22.86 6.17
C PHE A 81 34.01 23.30 6.91
N GLU A 82 33.89 23.60 8.18
CA GLU A 82 35.02 24.02 8.98
C GLU A 82 35.04 23.27 10.29
N TYR A 83 36.22 23.07 10.84
CA TYR A 83 36.39 22.38 12.12
C TYR A 83 35.49 23.06 13.13
N PRO A 84 34.82 22.28 13.96
CA PRO A 84 34.81 20.81 14.00
C PRO A 84 33.40 20.36 13.63
N ASN A 85 32.79 21.08 12.70
CA ASN A 85 31.43 20.76 12.29
C ASN A 85 31.25 19.36 11.72
N THR A 86 30.00 18.92 11.75
CA THR A 86 29.60 17.62 11.24
C THR A 86 28.66 17.81 10.06
N ILE A 87 28.82 17.00 9.03
CA ILE A 87 27.94 17.07 7.89
C ILE A 87 27.40 15.66 7.66
N SER A 88 26.11 15.54 7.38
CA SER A 88 25.51 14.23 7.14
C SER A 88 25.08 14.07 5.70
N PHE A 89 24.94 12.82 5.27
CA PHE A 89 24.56 12.53 3.89
C PHE A 89 23.37 11.56 3.79
N SER A 90 22.77 11.55 2.61
CA SER A 90 21.65 10.69 2.30
C SER A 90 21.56 10.69 0.78
N CYS A 91 20.84 9.74 0.22
CA CYS A 91 20.72 9.70 -1.23
C CYS A 91 19.27 9.78 -1.65
N ASN A 92 19.04 10.21 -2.88
CA ASN A 92 17.69 10.27 -3.39
C ASN A 92 17.21 8.83 -3.52
N THR A 93 15.90 8.63 -3.67
CA THR A 93 15.36 7.28 -3.81
C THR A 93 15.98 6.60 -5.01
N GLY A 94 16.14 5.29 -4.92
CA GLY A 94 16.74 4.54 -6.00
C GLY A 94 18.20 4.30 -5.69
N PHE A 95 18.79 5.22 -4.93
CA PHE A 95 20.18 5.11 -4.53
C PHE A 95 20.34 4.77 -3.06
N TYR A 96 21.49 4.18 -2.74
CA TYR A 96 21.82 3.84 -1.37
C TYR A 96 23.13 4.55 -1.05
N LEU A 97 23.37 4.79 0.22
CA LEU A 97 24.60 5.49 0.61
C LEU A 97 25.78 4.56 0.79
N ASN A 98 26.70 4.58 -0.18
CA ASN A 98 27.87 3.74 -0.12
C ASN A 98 28.98 4.48 0.63
N GLY A 99 28.88 4.45 1.96
CA GLY A 99 29.84 5.12 2.81
C GLY A 99 29.12 5.61 4.06
N ALA A 100 29.86 6.17 5.02
CA ALA A 100 29.27 6.68 6.27
C ALA A 100 28.18 7.74 6.02
N ASP A 101 27.19 7.78 6.91
CA ASP A 101 26.09 8.72 6.75
C ASP A 101 26.42 10.11 7.27
N SER A 102 27.60 10.27 7.87
CA SER A 102 28.00 11.58 8.36
C SER A 102 29.51 11.63 8.43
N ALA A 103 30.06 12.82 8.55
CA ALA A 103 31.50 13.00 8.65
C ALA A 103 31.83 14.30 9.34
N LYS A 104 32.93 14.30 10.09
CA LYS A 104 33.35 15.48 10.82
C LYS A 104 34.58 16.09 10.19
N CYS A 105 34.73 17.40 10.41
CA CYS A 105 35.86 18.16 9.92
C CYS A 105 36.86 18.05 11.06
N THR A 106 37.87 17.19 10.90
CA THR A 106 38.88 16.95 11.93
C THR A 106 39.74 18.16 12.20
N GLU A 107 40.40 18.15 13.35
CA GLU A 107 41.28 19.25 13.70
C GLU A 107 42.43 19.33 12.70
N GLU A 108 42.55 18.29 11.88
CA GLU A 108 43.60 18.28 10.87
C GLU A 108 43.13 18.99 9.61
N GLY A 109 41.82 19.13 9.48
CA GLY A 109 41.28 19.81 8.32
C GLY A 109 40.94 18.92 7.14
N LYS A 110 40.56 17.68 7.45
CA LYS A 110 40.16 16.73 6.42
C LYS A 110 38.91 16.04 6.92
N TRP A 111 38.17 15.41 6.01
CA TRP A 111 36.93 14.74 6.42
C TRP A 111 37.14 13.33 6.95
N SER A 112 36.46 13.01 8.04
CA SER A 112 36.56 11.67 8.62
C SER A 112 35.18 11.19 9.09
N PRO A 113 34.71 10.04 8.57
CA PRO A 113 35.39 9.18 7.59
C PRO A 113 35.44 9.90 6.27
N GLU A 114 36.03 9.27 5.26
CA GLU A 114 36.12 9.89 3.94
C GLU A 114 34.70 10.00 3.39
N LEU A 115 34.39 11.14 2.75
CA LEU A 115 33.06 11.37 2.20
C LEU A 115 32.51 10.18 1.42
N PRO A 116 31.24 9.83 1.68
CA PRO A 116 30.56 8.70 1.03
C PRO A 116 30.12 9.00 -0.39
N VAL A 117 29.38 8.07 -0.97
CA VAL A 117 28.88 8.23 -2.33
C VAL A 117 27.57 7.50 -2.47
N CYS A 118 26.67 8.07 -3.27
CA CYS A 118 25.38 7.45 -3.51
C CYS A 118 25.53 6.52 -4.70
N ALA A 119 24.91 5.35 -4.60
CA ALA A 119 24.99 4.39 -5.67
C ALA A 119 23.61 3.83 -5.99
N PRO A 120 23.41 3.43 -7.24
CA PRO A 120 22.14 2.88 -7.69
C PRO A 120 21.83 1.53 -7.05
N ILE A 121 20.69 1.46 -6.38
CA ILE A 121 20.23 0.23 -5.75
C ILE A 121 19.88 -0.76 -6.84
N ILE A 122 20.32 -2.00 -6.71
CA ILE A 122 19.98 -2.97 -7.74
C ILE A 122 19.78 -4.39 -7.25
N CYS A 123 18.93 -5.12 -7.96
CA CYS A 123 18.65 -6.50 -7.65
C CYS A 123 19.12 -7.31 -8.84
N PRO A 124 19.61 -8.53 -8.59
CA PRO A 124 20.05 -9.34 -9.74
C PRO A 124 18.79 -9.88 -10.40
N PRO A 125 18.91 -10.50 -11.58
CA PRO A 125 17.67 -11.01 -12.17
C PRO A 125 17.04 -12.00 -11.19
N PRO A 126 15.70 -12.06 -11.14
CA PRO A 126 14.98 -12.96 -10.25
C PRO A 126 14.89 -14.40 -10.75
N SER A 127 14.62 -15.30 -9.80
CA SER A 127 14.49 -16.72 -10.06
C SER A 127 13.04 -17.08 -10.38
N ILE A 128 12.84 -18.18 -11.08
CA ILE A 128 11.51 -18.61 -11.47
C ILE A 128 10.99 -19.76 -10.62
N PRO A 129 10.04 -19.49 -9.72
CA PRO A 129 9.54 -20.60 -8.90
C PRO A 129 9.06 -21.78 -9.77
N THR A 130 9.12 -22.98 -9.21
CA THR A 130 8.73 -24.19 -9.93
C THR A 130 7.32 -24.16 -10.49
N PHE A 131 7.16 -24.72 -11.68
CA PHE A 131 5.86 -24.77 -12.35
C PHE A 131 5.37 -23.39 -12.69
N ALA A 132 6.29 -22.47 -12.96
CA ALA A 132 5.89 -21.11 -13.29
C ALA A 132 6.75 -20.54 -14.39
N THR A 133 6.38 -19.35 -14.83
CA THR A 133 7.11 -18.63 -15.85
C THR A 133 6.76 -17.18 -15.67
N LEU A 134 7.77 -16.32 -15.72
CA LEU A 134 7.49 -14.91 -15.56
C LEU A 134 7.40 -14.34 -16.96
N ARG A 135 6.43 -13.46 -17.17
CA ARG A 135 6.31 -12.84 -18.48
C ARG A 135 6.40 -11.34 -18.37
N VAL A 136 6.80 -10.87 -17.20
CA VAL A 136 6.95 -9.45 -16.98
C VAL A 136 8.30 -9.19 -16.32
N TYR A 137 9.33 -9.05 -17.17
CA TYR A 137 10.69 -8.79 -16.69
C TYR A 137 11.62 -8.36 -17.82
N LYS A 138 12.43 -7.34 -17.53
CA LYS A 138 13.40 -6.81 -18.47
C LYS A 138 14.41 -6.00 -17.69
N PRO A 139 15.70 -6.40 -17.76
CA PRO A 139 16.78 -5.71 -17.05
C PRO A 139 16.80 -4.21 -17.30
N SER A 140 16.68 -3.42 -16.25
CA SER A 140 16.69 -1.96 -16.35
C SER A 140 18.10 -1.41 -16.27
N ALA A 141 19.01 -2.19 -15.70
CA ALA A 141 20.39 -1.77 -15.55
C ALA A 141 21.33 -2.93 -15.83
N GLY A 142 21.95 -2.90 -17.00
CA GLY A 142 22.84 -3.98 -17.35
C GLY A 142 22.04 -5.26 -17.30
N ASN A 143 22.62 -6.32 -16.78
CA ASN A 143 21.94 -7.60 -16.69
C ASN A 143 20.98 -7.61 -15.49
N ASN A 144 21.03 -6.55 -14.68
CA ASN A 144 20.22 -6.45 -13.45
C ASN A 144 19.01 -5.53 -13.46
N SER A 145 18.32 -5.47 -12.31
CA SER A 145 17.13 -4.65 -12.15
C SER A 145 17.36 -3.52 -11.15
N LEU A 146 16.63 -2.42 -11.33
CA LEU A 146 16.72 -1.26 -10.46
C LEU A 146 15.67 -1.27 -9.38
N TYR A 147 15.83 -0.38 -8.40
CA TYR A 147 14.91 -0.29 -7.29
C TYR A 147 13.47 -0.17 -7.74
N ARG A 148 12.57 -0.74 -6.94
CA ARG A 148 11.13 -0.72 -7.21
C ARG A 148 10.68 -1.27 -8.57
N ASP A 149 11.57 -1.96 -9.26
CA ASP A 149 11.21 -2.59 -10.52
C ASP A 149 10.32 -3.76 -10.15
N THR A 150 9.68 -4.36 -11.15
CA THR A 150 8.79 -5.47 -10.89
C THR A 150 8.94 -6.60 -11.89
N ALA A 151 8.44 -7.75 -11.47
CA ALA A 151 8.46 -8.94 -12.29
C ALA A 151 7.15 -9.63 -11.95
N VAL A 152 6.47 -10.17 -12.95
CA VAL A 152 5.21 -10.83 -12.67
C VAL A 152 5.21 -12.27 -13.18
N PHE A 153 4.89 -13.17 -12.25
CA PHE A 153 4.84 -14.59 -12.55
C PHE A 153 3.40 -15.04 -12.76
N GLU A 154 3.26 -16.06 -13.58
CA GLU A 154 1.97 -16.66 -13.85
C GLU A 154 2.30 -18.15 -13.82
N CYS A 155 1.59 -18.88 -12.95
CA CYS A 155 1.83 -20.30 -12.83
C CYS A 155 1.64 -21.06 -14.15
N LEU A 156 1.75 -22.37 -14.07
CA LEU A 156 1.61 -23.20 -15.24
C LEU A 156 0.23 -23.81 -15.31
N PRO A 157 -0.24 -24.13 -16.52
CA PRO A 157 -1.56 -24.72 -16.71
C PRO A 157 -1.84 -25.75 -15.62
N GLN A 158 -3.08 -25.76 -15.16
CA GLN A 158 -3.52 -26.70 -14.12
C GLN A 158 -2.80 -26.52 -12.78
N HIS A 159 -2.15 -25.38 -12.62
CA HIS A 159 -1.43 -25.06 -11.39
C HIS A 159 -1.91 -23.72 -10.82
N ALA A 160 -2.22 -23.68 -9.53
CA ALA A 160 -2.69 -22.46 -8.90
C ALA A 160 -1.55 -21.72 -8.21
N MET A 161 -1.63 -20.39 -8.23
CA MET A 161 -0.61 -19.56 -7.61
C MET A 161 -0.99 -19.20 -6.19
N PHE A 162 0.01 -19.15 -5.33
CA PHE A 162 -0.21 -18.79 -3.94
C PHE A 162 0.79 -17.69 -3.62
N GLY A 163 0.26 -16.52 -3.32
CA GLY A 163 1.10 -15.37 -3.04
C GLY A 163 1.03 -14.48 -4.27
N ASN A 164 1.16 -13.17 -4.06
CA ASN A 164 1.09 -12.21 -5.16
C ASN A 164 1.86 -12.67 -6.39
N ASP A 165 1.32 -12.38 -7.56
CA ASP A 165 1.94 -12.77 -8.82
C ASP A 165 3.03 -11.77 -9.17
N THR A 166 3.11 -10.71 -8.38
CA THR A 166 4.08 -9.68 -8.64
C THR A 166 5.13 -9.45 -7.54
N ILE A 167 6.38 -9.34 -7.99
CA ILE A 167 7.50 -9.12 -7.09
C ILE A 167 8.18 -7.82 -7.47
N THR A 168 8.70 -7.14 -6.46
CA THR A 168 9.40 -5.86 -6.65
C THR A 168 10.85 -5.96 -6.18
N CYS A 169 11.71 -5.14 -6.78
CA CYS A 169 13.13 -5.08 -6.43
C CYS A 169 13.30 -4.17 -5.22
N THR A 170 13.48 -4.77 -4.04
CA THR A 170 13.61 -4.01 -2.81
C THR A 170 14.94 -3.32 -2.61
N THR A 171 14.97 -2.44 -1.62
CA THR A 171 16.14 -1.67 -1.27
C THR A 171 17.27 -2.60 -0.79
N HIS A 172 16.94 -3.84 -0.49
CA HIS A 172 17.94 -4.79 -0.02
C HIS A 172 18.60 -5.59 -1.14
N GLY A 173 18.46 -5.12 -2.38
CA GLY A 173 19.06 -5.83 -3.49
C GLY A 173 18.42 -7.17 -3.77
N ASN A 174 17.45 -7.56 -2.95
CA ASN A 174 16.75 -8.82 -3.16
C ASN A 174 15.30 -8.52 -3.51
N TRP A 175 14.57 -9.50 -4.01
CA TRP A 175 13.17 -9.28 -4.37
C TRP A 175 12.20 -9.65 -3.24
N THR A 176 10.95 -9.29 -3.43
CA THR A 176 9.91 -9.59 -2.44
C THR A 176 9.51 -11.06 -2.57
N LYS A 177 8.96 -11.61 -1.49
CA LYS A 177 8.54 -13.01 -1.45
C LYS A 177 8.01 -13.50 -2.78
N LEU A 178 8.41 -14.71 -3.16
CA LEU A 178 7.96 -15.28 -4.42
C LEU A 178 6.69 -16.12 -4.28
N PRO A 179 5.89 -16.19 -5.33
CA PRO A 179 4.65 -16.97 -5.34
C PRO A 179 4.90 -18.46 -5.57
N GLU A 180 3.89 -19.27 -5.26
CA GLU A 180 3.94 -20.73 -5.42
C GLU A 180 3.04 -21.20 -6.57
N CYS A 181 3.41 -22.32 -7.17
CA CYS A 181 2.61 -22.89 -8.27
C CYS A 181 2.28 -24.34 -7.98
N ARG A 182 1.27 -24.58 -7.15
CA ARG A 182 0.88 -25.96 -6.86
C ARG A 182 -0.15 -26.39 -7.90
N GLU A 183 -0.26 -27.71 -8.13
CA GLU A 183 -1.24 -28.23 -9.08
C GLU A 183 -2.48 -28.62 -8.28
N VAL A 184 -3.63 -28.09 -8.68
CA VAL A 184 -4.87 -28.42 -7.97
C VAL A 184 -5.91 -29.05 -8.90
N LYS A 185 -6.65 -30.01 -8.37
CA LYS A 185 -7.69 -30.70 -9.11
C LYS A 185 -9.00 -30.63 -8.32
N CYS A 186 -10.11 -30.65 -9.04
CA CYS A 186 -11.43 -30.61 -8.41
C CYS A 186 -12.25 -31.84 -8.82
N PRO A 187 -13.11 -32.34 -7.91
CA PRO A 187 -13.94 -33.51 -8.21
C PRO A 187 -14.95 -33.09 -9.27
N PHE A 188 -15.54 -34.02 -10.00
CA PHE A 188 -16.52 -33.61 -10.99
C PHE A 188 -17.72 -33.02 -10.27
N PRO A 189 -18.41 -32.06 -10.91
CA PRO A 189 -19.58 -31.43 -10.30
C PRO A 189 -20.80 -32.33 -10.42
N SER A 190 -21.64 -32.32 -9.40
CA SER A 190 -22.85 -33.13 -9.41
C SER A 190 -23.98 -32.44 -10.15
N ARG A 191 -24.66 -33.20 -11.02
CA ARG A 191 -25.79 -32.67 -11.79
C ARG A 191 -26.89 -32.25 -10.82
N PRO A 192 -27.62 -31.18 -11.15
CA PRO A 192 -28.70 -30.74 -10.26
C PRO A 192 -30.04 -31.40 -10.60
N ASP A 193 -30.88 -31.60 -9.59
CA ASP A 193 -32.18 -32.20 -9.87
C ASP A 193 -32.99 -31.19 -10.68
N ASN A 194 -33.71 -31.69 -11.68
CA ASN A 194 -34.52 -30.84 -12.54
C ASN A 194 -33.65 -30.03 -13.49
N GLY A 195 -32.34 -30.24 -13.41
CA GLY A 195 -31.42 -29.51 -14.28
C GLY A 195 -30.33 -30.40 -14.84
N PHE A 196 -29.28 -29.78 -15.39
CA PHE A 196 -28.16 -30.52 -15.95
C PHE A 196 -26.87 -29.76 -15.71
N VAL A 197 -25.74 -30.41 -15.97
CA VAL A 197 -24.44 -29.79 -15.78
C VAL A 197 -23.40 -30.24 -16.80
N ASN A 198 -22.53 -29.32 -17.20
CA ASN A 198 -21.50 -29.63 -18.18
C ASN A 198 -20.09 -29.25 -17.75
N TYR A 199 -19.12 -29.94 -18.33
CA TYR A 199 -17.72 -29.70 -18.03
C TYR A 199 -16.82 -30.50 -18.96
N PRO A 200 -15.58 -30.03 -19.16
CA PRO A 200 -14.61 -30.69 -20.04
C PRO A 200 -14.67 -32.21 -19.95
N ALA A 201 -14.47 -32.86 -21.09
CA ALA A 201 -14.51 -34.32 -21.16
C ALA A 201 -13.10 -34.89 -20.99
N LYS A 202 -12.63 -34.96 -19.75
CA LYS A 202 -11.29 -35.48 -19.48
C LYS A 202 -11.24 -36.28 -18.18
N PRO A 203 -10.22 -37.14 -18.04
CA PRO A 203 -10.01 -37.97 -16.86
C PRO A 203 -10.21 -37.23 -15.55
N THR A 204 -9.52 -36.10 -15.41
CA THR A 204 -9.61 -35.29 -14.20
C THR A 204 -9.69 -33.82 -14.55
N LEU A 205 -10.23 -33.03 -13.61
CA LEU A 205 -10.38 -31.60 -13.81
C LEU A 205 -9.46 -30.84 -12.85
N TYR A 206 -8.81 -29.80 -13.37
CA TYR A 206 -7.90 -28.99 -12.56
C TYR A 206 -8.32 -27.53 -12.43
N TYR A 207 -7.48 -26.78 -11.71
CA TYR A 207 -7.67 -25.36 -11.46
C TYR A 207 -8.19 -24.60 -12.69
N LYS A 208 -9.05 -23.62 -12.43
CA LYS A 208 -9.62 -22.78 -13.48
C LYS A 208 -10.41 -23.50 -14.55
N ASP A 209 -10.91 -24.69 -14.24
CA ASP A 209 -11.71 -25.43 -15.21
C ASP A 209 -13.16 -25.02 -14.99
N LYS A 210 -13.85 -24.71 -16.08
CA LYS A 210 -15.24 -24.26 -15.98
C LYS A 210 -16.30 -25.35 -16.09
N ALA A 211 -17.40 -25.14 -15.37
CA ALA A 211 -18.52 -26.05 -15.38
C ALA A 211 -19.77 -25.18 -15.44
N THR A 212 -20.67 -25.48 -16.38
CA THR A 212 -21.91 -24.72 -16.52
C THR A 212 -23.16 -25.53 -16.18
N PHE A 213 -24.18 -24.84 -15.69
CA PHE A 213 -25.42 -25.50 -15.31
C PHE A 213 -26.66 -25.00 -16.05
N GLY A 214 -27.81 -25.53 -15.64
CA GLY A 214 -29.08 -25.16 -16.23
C GLY A 214 -30.24 -25.93 -15.61
N CYS A 215 -31.46 -25.59 -15.99
CA CYS A 215 -32.62 -26.27 -15.45
C CYS A 215 -33.73 -26.44 -16.48
N HIS A 216 -34.52 -27.49 -16.32
CA HIS A 216 -35.62 -27.75 -17.24
C HIS A 216 -36.70 -26.71 -17.01
N ASP A 217 -37.35 -26.31 -18.10
CA ASP A 217 -38.40 -25.29 -18.08
C ASP A 217 -39.04 -24.91 -16.75
N GLY A 218 -39.53 -25.88 -16.00
CA GLY A 218 -40.20 -25.52 -14.76
C GLY A 218 -39.35 -24.87 -13.67
N TYR A 219 -38.05 -25.13 -13.72
CA TYR A 219 -37.16 -24.62 -12.69
C TYR A 219 -36.11 -23.64 -13.20
N SER A 220 -35.38 -23.04 -12.26
CA SER A 220 -34.31 -22.09 -12.55
C SER A 220 -33.17 -22.34 -11.59
N LEU A 221 -32.01 -21.74 -11.85
CA LEU A 221 -30.84 -21.91 -10.99
C LEU A 221 -30.88 -20.95 -9.81
N ASP A 222 -30.46 -21.42 -8.64
CA ASP A 222 -30.45 -20.56 -7.45
C ASP A 222 -29.02 -20.16 -7.16
N GLY A 223 -28.15 -20.39 -8.15
CA GLY A 223 -26.74 -20.06 -8.05
C GLY A 223 -26.26 -19.65 -9.43
N PRO A 224 -24.98 -19.26 -9.59
CA PRO A 224 -24.43 -18.84 -10.88
C PRO A 224 -24.48 -19.93 -11.94
N GLU A 225 -24.68 -19.52 -13.19
CA GLU A 225 -24.76 -20.45 -14.31
C GLU A 225 -23.43 -21.15 -14.58
N GLU A 226 -22.33 -20.49 -14.25
CA GLU A 226 -21.01 -21.05 -14.48
C GLU A 226 -20.18 -21.10 -13.20
N ILE A 227 -19.32 -22.11 -13.09
CA ILE A 227 -18.44 -22.27 -11.93
C ILE A 227 -17.09 -22.82 -12.39
N GLU A 228 -16.08 -22.65 -11.54
CA GLU A 228 -14.74 -23.13 -11.84
C GLU A 228 -14.02 -23.78 -10.67
N CYS A 229 -13.02 -24.55 -11.04
CA CYS A 229 -12.17 -25.28 -10.11
C CYS A 229 -11.27 -24.25 -9.41
N THR A 230 -11.55 -23.99 -8.13
CA THR A 230 -10.76 -23.02 -7.38
C THR A 230 -9.41 -23.59 -6.98
N LYS A 231 -8.54 -22.72 -6.45
CA LYS A 231 -7.21 -23.13 -6.02
C LYS A 231 -7.29 -24.08 -4.82
N LEU A 232 -8.42 -24.07 -4.12
CA LEU A 232 -8.60 -24.94 -2.95
C LEU A 232 -9.22 -26.30 -3.28
N GLY A 233 -9.12 -26.72 -4.54
CA GLY A 233 -9.65 -28.01 -4.94
C GLY A 233 -11.15 -28.20 -4.98
N ASN A 234 -11.91 -27.19 -4.58
CA ASN A 234 -13.37 -27.26 -4.62
C ASN A 234 -13.89 -26.27 -5.67
N TRP A 235 -15.21 -26.16 -5.82
CA TRP A 235 -15.75 -25.26 -6.85
C TRP A 235 -16.26 -23.90 -6.38
N SER A 236 -16.38 -22.99 -7.36
CA SER A 236 -16.86 -21.63 -7.16
C SER A 236 -18.10 -21.67 -6.28
N ALA A 237 -19.02 -22.56 -6.67
CA ALA A 237 -20.29 -22.79 -5.98
C ALA A 237 -20.99 -23.96 -6.67
N MET A 238 -22.04 -24.48 -6.05
CA MET A 238 -22.82 -25.58 -6.62
C MET A 238 -24.28 -25.17 -6.68
N PRO A 239 -24.71 -24.65 -7.84
CA PRO A 239 -26.09 -24.22 -8.03
C PRO A 239 -27.09 -25.38 -8.11
N SER A 240 -28.31 -25.12 -7.67
CA SER A 240 -29.36 -26.13 -7.70
C SER A 240 -30.45 -25.60 -8.65
N CYS A 241 -31.38 -26.48 -9.04
CA CYS A 241 -32.46 -26.03 -9.91
C CYS A 241 -33.72 -25.97 -9.06
N LYS A 242 -34.16 -24.75 -8.75
CA LYS A 242 -35.36 -24.57 -7.92
C LYS A 242 -36.63 -24.35 -8.74
N ALA A 243 -37.72 -24.90 -8.22
CA ALA A 243 -39.02 -24.82 -8.86
C ALA A 243 -39.59 -23.42 -8.89
N SER A 244 -40.10 -23.02 -10.05
CA SER A 244 -40.70 -21.70 -10.17
C SER A 244 -42.09 -21.73 -9.55
N CYS A 245 -42.67 -20.55 -9.37
CA CYS A 245 -44.00 -20.44 -8.79
C CYS A 245 -45.01 -19.92 -9.79
N LYS A 246 -46.20 -20.50 -9.79
CA LYS A 246 -47.25 -20.03 -10.69
C LYS A 246 -47.79 -18.73 -10.09
N LEU A 247 -48.17 -17.79 -10.95
CA LEU A 247 -48.70 -16.50 -10.49
C LEU A 247 -49.71 -16.78 -9.38
N PRO A 248 -49.44 -16.30 -8.16
CA PRO A 248 -50.29 -16.47 -6.97
C PRO A 248 -51.74 -16.02 -7.11
N VAL A 249 -51.97 -14.94 -7.84
CA VAL A 249 -53.33 -14.44 -8.02
C VAL A 249 -53.64 -14.17 -9.49
N LYS A 250 -54.92 -13.94 -9.77
CA LYS A 250 -55.42 -13.67 -11.11
C LYS A 250 -54.96 -12.29 -11.61
N LYS A 251 -55.23 -11.26 -10.82
CA LYS A 251 -54.84 -9.88 -11.15
C LYS A 251 -54.47 -9.11 -9.91
N ALA A 252 -53.39 -8.35 -9.98
CA ALA A 252 -52.94 -7.57 -8.83
C ALA A 252 -51.73 -6.69 -9.12
N THR A 253 -51.78 -5.45 -8.62
CA THR A 253 -50.66 -4.54 -8.80
C THR A 253 -49.79 -4.80 -7.59
N VAL A 254 -48.52 -5.07 -7.82
CA VAL A 254 -47.63 -5.36 -6.72
C VAL A 254 -46.33 -4.61 -6.87
N VAL A 255 -45.50 -4.64 -5.84
CA VAL A 255 -44.22 -3.96 -5.91
C VAL A 255 -43.16 -5.00 -6.18
N TYR A 256 -42.44 -4.81 -7.28
CA TYR A 256 -41.35 -5.72 -7.64
C TYR A 256 -40.13 -4.87 -7.85
N GLN A 257 -39.16 -5.00 -6.97
CA GLN A 257 -37.95 -4.21 -7.08
C GLN A 257 -38.32 -2.74 -6.96
N GLY A 258 -38.98 -2.40 -5.85
CA GLY A 258 -39.36 -1.03 -5.58
C GLY A 258 -40.30 -0.30 -6.53
N GLU A 259 -40.60 -0.88 -7.69
CA GLU A 259 -41.51 -0.23 -8.62
C GLU A 259 -42.82 -1.01 -8.72
N ARG A 260 -43.90 -0.31 -9.04
CA ARG A 260 -45.21 -0.94 -9.19
C ARG A 260 -45.28 -1.66 -10.52
N VAL A 261 -45.85 -2.86 -10.50
CA VAL A 261 -46.00 -3.66 -11.71
C VAL A 261 -47.30 -4.47 -11.65
N LYS A 262 -47.78 -4.90 -12.81
CA LYS A 262 -48.98 -5.73 -12.85
C LYS A 262 -48.39 -7.13 -12.71
N ILE A 263 -48.61 -7.75 -11.55
CA ILE A 263 -48.06 -9.06 -11.32
C ILE A 263 -48.34 -10.05 -12.46
N GLN A 264 -49.57 -10.04 -12.99
CA GLN A 264 -49.92 -10.95 -14.07
C GLN A 264 -49.15 -10.63 -15.33
N GLU A 265 -48.64 -9.40 -15.41
CA GLU A 265 -47.88 -8.96 -16.56
C GLU A 265 -46.39 -9.22 -16.37
N LYS A 266 -45.87 -8.80 -15.22
CA LYS A 266 -44.45 -8.96 -14.95
C LYS A 266 -44.03 -10.42 -14.97
N PHE A 267 -44.82 -11.29 -14.35
CA PHE A 267 -44.48 -12.71 -14.32
C PHE A 267 -45.47 -13.53 -15.12
N LYS A 268 -45.72 -13.09 -16.35
CA LYS A 268 -46.64 -13.78 -17.24
C LYS A 268 -46.28 -15.26 -17.35
N ASN A 269 -44.99 -15.57 -17.34
CA ASN A 269 -44.56 -16.95 -17.47
C ASN A 269 -44.14 -17.57 -16.14
N GLY A 270 -44.83 -17.14 -15.09
CA GLY A 270 -44.55 -17.64 -13.76
C GLY A 270 -43.47 -16.82 -13.08
N MET A 271 -43.28 -17.08 -11.80
CA MET A 271 -42.27 -16.40 -11.02
C MET A 271 -41.10 -17.35 -10.87
N LEU A 272 -39.90 -16.80 -10.88
CA LEU A 272 -38.71 -17.62 -10.73
C LEU A 272 -38.43 -17.76 -9.26
N HIS A 273 -37.61 -18.76 -8.92
CA HIS A 273 -37.26 -18.98 -7.54
C HIS A 273 -36.56 -17.75 -6.98
N GLY A 274 -37.00 -17.31 -5.82
CA GLY A 274 -36.38 -16.14 -5.22
C GLY A 274 -37.06 -14.82 -5.51
N ASP A 275 -37.73 -14.69 -6.66
CA ASP A 275 -38.41 -13.44 -6.98
C ASP A 275 -39.24 -12.98 -5.77
N LYS A 276 -39.05 -11.73 -5.37
CA LYS A 276 -39.80 -11.19 -4.24
C LYS A 276 -40.83 -10.21 -4.78
N VAL A 277 -41.91 -10.01 -4.03
CA VAL A 277 -42.96 -9.11 -4.45
C VAL A 277 -43.69 -8.58 -3.23
N SER A 278 -44.36 -7.44 -3.39
CA SER A 278 -45.10 -6.84 -2.27
C SER A 278 -46.55 -6.58 -2.64
N PHE A 279 -47.46 -7.10 -1.84
CA PHE A 279 -48.89 -6.94 -2.09
C PHE A 279 -49.47 -5.74 -1.35
N PHE A 280 -50.52 -5.15 -1.93
CA PHE A 280 -51.19 -4.03 -1.31
C PHE A 280 -52.47 -4.50 -0.66
N CYS A 281 -52.86 -3.83 0.41
CA CYS A 281 -54.08 -4.13 1.12
C CYS A 281 -54.37 -2.98 2.08
N LYS A 282 -55.61 -2.51 2.06
CA LYS A 282 -55.99 -1.39 2.90
C LYS A 282 -56.17 -1.70 4.37
N ASN A 283 -56.17 -0.64 5.18
CA ASN A 283 -56.35 -0.73 6.61
C ASN A 283 -57.72 -0.14 6.97
N LYS A 284 -58.77 -0.85 6.57
CA LYS A 284 -60.16 -0.46 6.83
C LYS A 284 -60.37 0.82 7.64
N GLU A 285 -59.84 0.84 8.86
CA GLU A 285 -59.98 1.99 9.75
C GLU A 285 -59.52 3.33 9.17
N LYS A 286 -58.21 3.47 8.96
CA LYS A 286 -57.65 4.72 8.43
C LYS A 286 -57.79 4.90 6.91
N LYS A 287 -58.45 3.94 6.25
CA LYS A 287 -58.66 3.98 4.80
C LYS A 287 -57.43 4.35 3.97
N CYS A 288 -56.33 3.65 4.23
CA CYS A 288 -55.07 3.86 3.53
C CYS A 288 -54.50 2.48 3.22
N SER A 289 -53.52 2.40 2.33
CA SER A 289 -52.95 1.11 1.97
C SER A 289 -51.48 0.88 2.31
N TYR A 290 -51.20 -0.30 2.86
CA TYR A 290 -49.85 -0.69 3.23
C TYR A 290 -49.53 -1.97 2.46
N THR A 291 -48.28 -2.42 2.53
CA THR A 291 -47.89 -3.62 1.80
C THR A 291 -47.08 -4.60 2.61
N GLU A 292 -47.27 -5.88 2.31
CA GLU A 292 -46.55 -6.96 2.95
C GLU A 292 -45.87 -7.77 1.83
N ASP A 293 -44.79 -8.46 2.19
CA ASP A 293 -44.05 -9.23 1.19
C ASP A 293 -44.44 -10.69 1.04
N ALA A 294 -43.87 -11.29 -0.01
CA ALA A 294 -44.08 -12.67 -0.35
C ALA A 294 -42.98 -12.99 -1.34
N GLN A 295 -42.62 -14.26 -1.45
CA GLN A 295 -41.55 -14.62 -2.37
C GLN A 295 -41.67 -16.05 -2.83
N CYS A 296 -41.31 -16.26 -4.10
CA CYS A 296 -41.35 -17.57 -4.71
C CYS A 296 -40.18 -18.37 -4.15
N ILE A 297 -40.50 -19.36 -3.33
CA ILE A 297 -39.47 -20.22 -2.75
C ILE A 297 -39.72 -21.64 -3.21
N ASP A 298 -39.01 -22.02 -4.26
CA ASP A 298 -39.13 -23.35 -4.84
C ASP A 298 -40.57 -23.81 -5.03
N GLY A 299 -41.22 -23.24 -6.05
CA GLY A 299 -42.59 -23.61 -6.36
C GLY A 299 -43.68 -23.10 -5.46
N THR A 300 -43.31 -22.55 -4.29
CA THR A 300 -44.34 -22.07 -3.37
C THR A 300 -44.21 -20.58 -3.08
N ILE A 301 -45.34 -19.92 -2.88
CA ILE A 301 -45.34 -18.51 -2.55
C ILE A 301 -46.54 -18.14 -1.69
N GLU A 302 -46.28 -17.55 -0.53
CA GLU A 302 -47.34 -17.20 0.39
C GLU A 302 -47.89 -15.80 0.19
N VAL A 303 -49.02 -15.68 -0.50
CA VAL A 303 -49.63 -14.38 -0.70
C VAL A 303 -50.16 -13.90 0.65
N PRO A 304 -49.79 -12.68 1.07
CA PRO A 304 -50.25 -12.13 2.35
C PRO A 304 -51.75 -12.32 2.59
N LYS A 305 -52.10 -12.62 3.83
CA LYS A 305 -53.49 -12.85 4.21
C LYS A 305 -54.27 -11.55 4.11
N CYS A 306 -53.60 -10.44 4.42
CA CYS A 306 -54.21 -9.11 4.37
C CYS A 306 -54.62 -8.73 2.95
N PHE A 307 -54.09 -9.45 1.97
CA PHE A 307 -54.42 -9.17 0.58
C PHE A 307 -55.86 -9.55 0.30
N LYS A 308 -56.49 -8.80 -0.59
CA LYS A 308 -57.87 -9.05 -0.97
C LYS A 308 -57.91 -8.80 -2.47
N GLU A 309 -58.11 -9.87 -3.24
CA GLU A 309 -58.16 -9.78 -4.69
C GLU A 309 -59.56 -9.48 -5.20
N HIS A 310 -59.80 -8.22 -5.54
CA HIS A 310 -61.09 -7.83 -6.07
C HIS A 310 -61.16 -8.40 -7.48
N SER A 311 -62.35 -8.86 -7.87
CA SER A 311 -62.53 -9.44 -9.19
C SER A 311 -62.63 -8.33 -10.25
N SER A 312 -62.13 -8.62 -11.45
CA SER A 312 -62.17 -7.66 -12.55
C SER A 312 -63.63 -7.25 -12.75
N LEU A 313 -64.49 -8.27 -12.82
CA LEU A 313 -65.93 -8.03 -12.97
C LEU A 313 -66.53 -7.94 -11.58
N ALA A 314 -66.47 -6.76 -11.03
CA ALA A 314 -66.98 -6.39 -9.74
C ALA A 314 -66.64 -4.91 -9.70
N PHE A 315 -65.32 -4.72 -9.71
CA PHE A 315 -64.70 -3.48 -9.69
C PHE A 315 -65.58 -2.57 -8.95
N TRP A 316 -65.99 -2.86 -7.85
CA TRP A 316 -66.75 -1.68 -7.63
C TRP A 316 -66.39 -1.22 -6.33
N LYS A 317 -65.40 -1.95 -5.88
CA LYS A 317 -64.82 -1.62 -4.67
C LYS A 317 -63.43 -1.32 -5.05
N THR A 318 -63.03 -0.11 -4.79
CA THR A 318 -61.69 0.25 -5.11
C THR A 318 -60.67 -0.78 -4.58
N ASP A 319 -59.61 -0.94 -5.37
CA ASP A 319 -58.51 -1.83 -5.01
C ASP A 319 -57.60 -1.24 -3.96
N ALA A 320 -56.93 -2.12 -3.21
CA ALA A 320 -56.01 -1.69 -2.18
C ALA A 320 -54.87 -0.96 -2.87
N SER A 321 -54.48 -1.49 -4.03
CA SER A 321 -53.39 -0.92 -4.82
C SER A 321 -53.62 0.57 -5.06
N ASP A 322 -54.88 0.97 -5.15
CA ASP A 322 -55.24 2.35 -5.43
C ASP A 322 -55.62 3.23 -4.25
N VAL A 323 -55.48 2.70 -3.04
CA VAL A 323 -55.80 3.49 -1.86
C VAL A 323 -54.59 4.33 -1.51
N LYS A 324 -54.82 5.53 -1.00
CA LYS A 324 -53.71 6.40 -0.62
C LYS A 324 -52.82 5.62 0.33
N PRO A 325 -51.52 5.92 0.35
CA PRO A 325 -50.62 5.21 1.25
C PRO A 325 -50.99 5.43 2.71
N CYS A 326 -50.29 4.77 3.62
CA CYS A 326 -50.57 4.92 5.03
C CYS A 326 -49.50 5.79 5.69
#